data_5ZDO
#
_entry.id   5ZDO
#
_cell.length_a   143.868
_cell.length_b   39.393
_cell.length_c   115.837
_cell.angle_alpha   90.000
_cell.angle_beta   116.820
_cell.angle_gamma   90.000
#
_symmetry.space_group_name_H-M   'C 1 2 1'
#
loop_
_entity.id
_entity.type
_entity.pdbx_description
1 polymer 'Glutamine-tRNA ligase'
2 non-polymer 'CHLORIDE ION'
#
_entity_poly.entity_id   1
_entity_poly.type   'polypeptide(L)'
_entity_poly.pdbx_seq_one_letter_code
;MGLVPECFITELVERDLKEGKYAKLVTRFPPEPNGYLHIGHARSIVLNFGLAQDYGGECNLRFDDTNPETEKEEYARAIE
EDVRWLGFRPTRVLYASDYFETMYQCALVLIQEGKAYVDDLPEEEMSELRAQGKPSPYRERSVEENLELFERMRRGEFPT
GSRVLRAKIDPAHPNFKLRDPVLYRIVHAPHYHVGDRWVIYPMYDFAHPLEDFIEGVTHSLCTLEFENNRTVYDWVIENL
KGKCGLPTSPRPHQYEFARLDLSHTVLSKRKLIKLVEGGYVSGWDDPRLPTLRGLRRRGVRPEAIVEFVRKTGISRNEAQ
IEMDLFEEVVRDDLNPIAPRVLGVVDPLKVVLTNYEGEEWIEAPYWPRDIPKEGTRPLPFSPELYIERTDFSLNPPKGWK
RLAPGQRVRLRHAYVIELEDVVEEGGEVRLLKARIVPGTLGANPEDGVRPKGVIHWVSARHALPVEFRLYGRLFRTKDPE
EGGDFLQNLNPEALVVKRGFIEPSVAQDPEDTRYQLERLGYFWRDPVDSRPEALVMNRIVPLKEGYRV
;
_entity_poly.pdbx_strand_id   A
#
# COMPACT_ATOMS: atom_id res chain seq x y z
N MET A 1 3.20 -14.32 -19.16
CA MET A 1 4.66 -14.67 -19.09
C MET A 1 5.51 -13.63 -18.33
N GLY A 2 6.13 -12.69 -19.06
CA GLY A 2 7.03 -11.65 -18.49
C GLY A 2 6.30 -10.64 -17.61
N LEU A 3 6.66 -10.63 -16.32
CA LEU A 3 5.95 -9.94 -15.21
C LEU A 3 5.99 -8.40 -15.22
N VAL A 4 7.10 -7.87 -15.69
CA VAL A 4 7.38 -6.47 -15.63
C VAL A 4 7.20 -5.88 -17.00
N PRO A 5 6.31 -4.91 -17.12
CA PRO A 5 5.98 -4.28 -18.39
C PRO A 5 7.17 -3.93 -19.28
N GLU A 6 7.11 -4.38 -20.51
CA GLU A 6 8.08 -4.01 -21.51
C GLU A 6 8.26 -2.52 -21.30
N CYS A 7 9.49 -2.11 -21.07
CA CYS A 7 9.77 -0.72 -20.79
C CYS A 7 11.25 -0.53 -20.95
N PHE A 8 11.73 0.64 -20.57
CA PHE A 8 13.10 0.96 -20.83
C PHE A 8 13.96 -0.08 -20.19
N ILE A 9 13.60 -0.47 -18.97
CA ILE A 9 14.51 -1.25 -18.13
C ILE A 9 14.63 -2.75 -18.48
N THR A 10 13.55 -3.39 -18.91
CA THR A 10 13.59 -4.80 -19.37
C THR A 10 14.52 -4.90 -20.56
N GLU A 11 14.25 -4.10 -21.60
CA GLU A 11 15.05 -4.11 -22.81
C GLU A 11 16.52 -3.90 -22.46
N LEU A 12 16.74 -3.01 -21.50
CA LEU A 12 18.11 -2.71 -21.09
C LEU A 12 18.82 -3.92 -20.44
N VAL A 13 18.08 -4.60 -19.58
CA VAL A 13 18.64 -5.71 -18.83
C VAL A 13 18.86 -6.85 -19.76
N GLU A 14 17.87 -7.07 -20.63
CA GLU A 14 17.94 -8.13 -21.61
C GLU A 14 19.17 -7.97 -22.48
N ARG A 15 19.38 -6.73 -22.95
CA ARG A 15 20.58 -6.40 -23.73
C ARG A 15 21.82 -6.84 -22.95
N ASP A 16 21.99 -6.34 -21.73
CA ASP A 16 23.21 -6.61 -20.96
C ASP A 16 23.40 -8.07 -20.63
N LEU A 17 22.31 -8.77 -20.41
CA LEU A 17 22.40 -10.17 -20.08
C LEU A 17 22.85 -11.01 -21.25
N LYS A 18 22.23 -10.79 -22.41
CA LYS A 18 22.54 -11.50 -23.66
C LYS A 18 23.99 -11.21 -24.08
N GLU A 19 24.35 -9.93 -24.14
CA GLU A 19 25.70 -9.48 -24.49
C GLU A 19 26.75 -9.88 -23.44
N GLY A 20 26.29 -10.45 -22.31
CA GLY A 20 27.17 -11.06 -21.30
C GLY A 20 27.80 -10.12 -20.28
N LYS A 21 27.45 -8.82 -20.35
CA LYS A 21 28.00 -7.79 -19.43
C LYS A 21 27.94 -8.14 -17.91
N TYR A 22 26.91 -8.90 -17.48
CA TYR A 22 26.81 -9.47 -16.14
C TYR A 22 26.33 -10.91 -16.33
N ALA A 23 26.78 -11.85 -15.51
CA ALA A 23 26.29 -13.27 -15.61
C ALA A 23 24.87 -13.36 -15.06
N LYS A 24 24.71 -13.30 -13.74
CA LYS A 24 23.37 -13.10 -13.16
C LYS A 24 22.98 -11.62 -13.01
N LEU A 25 21.70 -11.34 -13.18
CA LEU A 25 21.13 -10.07 -12.78
C LEU A 25 21.06 -10.05 -11.25
N VAL A 26 21.31 -8.90 -10.62
CA VAL A 26 21.22 -8.82 -9.16
C VAL A 26 20.65 -7.46 -8.81
N THR A 27 19.40 -7.46 -8.38
CA THR A 27 18.73 -6.25 -7.98
C THR A 27 18.64 -6.24 -6.47
N ARG A 28 18.20 -5.11 -5.90
CA ARG A 28 17.92 -5.03 -4.47
C ARG A 28 16.72 -4.10 -4.30
N PHE A 29 15.98 -4.32 -3.22
CA PHE A 29 15.00 -3.37 -2.73
C PHE A 29 15.48 -2.81 -1.38
N PRO A 30 15.77 -1.50 -1.33
CA PRO A 30 16.43 -0.95 -0.15
C PRO A 30 15.82 -0.12 0.97
N PRO A 31 14.54 -0.35 1.32
CA PRO A 31 13.81 0.65 2.10
C PRO A 31 14.59 0.98 3.35
N GLU A 32 14.33 2.16 3.92
CA GLU A 32 14.85 2.50 5.24
C GLU A 32 13.89 1.92 6.28
N PRO A 33 14.38 1.14 7.26
CA PRO A 33 13.47 0.63 8.27
C PRO A 33 13.01 1.70 9.27
N ASN A 34 12.38 2.76 8.81
CA ASN A 34 11.94 3.81 9.72
C ASN A 34 10.43 4.13 9.54
N GLY A 35 9.69 3.17 8.99
CA GLY A 35 8.27 3.32 8.73
C GLY A 35 7.60 2.10 8.13
N TYR A 36 6.33 2.28 7.80
CA TYR A 36 5.57 1.24 7.12
C TYR A 36 5.57 1.52 5.65
N LEU A 37 5.54 0.45 4.84
CA LEU A 37 5.52 0.62 3.40
C LEU A 37 4.13 1.02 2.96
N HIS A 38 4.06 1.64 1.79
CA HIS A 38 2.78 2.01 1.17
C HIS A 38 2.64 1.62 -0.33
N ILE A 39 1.43 1.74 -0.89
CA ILE A 39 1.19 1.39 -2.29
C ILE A 39 2.25 1.95 -3.27
N GLY A 40 2.79 3.15 -3.01
CA GLY A 40 3.95 3.66 -3.76
C GLY A 40 5.12 2.69 -3.82
N HIS A 41 5.65 2.31 -2.66
CA HIS A 41 6.72 1.31 -2.57
C HIS A 41 6.43 -0.01 -3.34
N ALA A 42 5.17 -0.36 -3.53
CA ALA A 42 4.88 -1.57 -4.35
C ALA A 42 5.57 -1.59 -5.73
N ARG A 43 5.71 -0.42 -6.35
CA ARG A 43 6.29 -0.30 -7.70
C ARG A 43 7.77 -0.74 -7.67
N SER A 44 8.51 -0.15 -6.73
CA SER A 44 9.89 -0.55 -6.43
C SER A 44 10.07 -2.04 -6.06
N ILE A 45 9.09 -2.59 -5.31
CA ILE A 45 9.08 -4.03 -4.97
C ILE A 45 8.86 -4.94 -6.17
N VAL A 46 7.74 -4.69 -6.88
CA VAL A 46 7.35 -5.52 -8.05
C VAL A 46 8.46 -5.48 -9.09
N LEU A 47 8.88 -4.26 -9.44
CA LEU A 47 9.98 -4.06 -10.34
C LEU A 47 11.29 -4.81 -9.90
N ASN A 48 11.74 -4.60 -8.68
CA ASN A 48 13.02 -5.17 -8.34
C ASN A 48 13.02 -6.71 -8.19
N PHE A 49 12.00 -7.28 -7.54
CA PHE A 49 11.93 -8.73 -7.38
C PHE A 49 11.38 -9.36 -8.66
N GLY A 50 10.42 -8.68 -9.30
CA GLY A 50 9.92 -9.11 -10.60
C GLY A 50 11.07 -9.33 -11.55
N LEU A 51 11.91 -8.30 -11.68
CA LEU A 51 13.08 -8.41 -12.52
C LEU A 51 13.90 -9.67 -12.22
N ALA A 52 14.19 -9.90 -10.95
CA ALA A 52 14.94 -11.06 -10.57
C ALA A 52 14.31 -12.38 -11.06
N GLN A 53 13.01 -12.57 -10.83
CA GLN A 53 12.38 -13.86 -11.17
C GLN A 53 12.19 -14.04 -12.66
N ASP A 54 11.82 -12.97 -13.36
CA ASP A 54 11.75 -13.00 -14.84
C ASP A 54 13.06 -13.47 -15.47
N TYR A 55 14.20 -13.09 -14.91
CA TYR A 55 15.45 -13.37 -15.59
C TYR A 55 16.35 -14.32 -14.83
N GLY A 56 15.78 -15.18 -13.97
CA GLY A 56 16.54 -16.20 -13.28
C GLY A 56 17.67 -15.63 -12.48
N GLY A 57 17.43 -14.47 -11.87
CA GLY A 57 18.46 -13.76 -11.12
C GLY A 57 18.19 -13.73 -9.62
N GLU A 58 18.72 -12.72 -8.93
CA GLU A 58 18.63 -12.61 -7.48
C GLU A 58 18.15 -11.22 -7.09
N CYS A 59 17.50 -11.13 -5.94
CA CYS A 59 17.08 -9.82 -5.47
C CYS A 59 17.19 -9.76 -3.96
N ASN A 60 17.86 -8.72 -3.45
CA ASN A 60 18.15 -8.64 -2.04
C ASN A 60 17.14 -7.72 -1.40
N LEU A 61 16.61 -8.12 -0.27
CA LEU A 61 15.90 -7.21 0.57
C LEU A 61 17.00 -6.67 1.45
N ARG A 62 17.17 -5.35 1.45
CA ARG A 62 18.22 -4.70 2.21
C ARG A 62 17.64 -3.53 2.94
N PHE A 63 17.93 -3.44 4.22
CA PHE A 63 17.50 -2.29 4.95
C PHE A 63 18.61 -1.28 4.86
N ASP A 64 18.31 -0.10 4.28
CA ASP A 64 19.29 0.95 4.18
C ASP A 64 19.14 1.68 5.47
N ASP A 65 19.91 1.25 6.48
CA ASP A 65 19.72 1.72 7.85
C ASP A 65 20.91 2.47 8.42
N THR A 66 21.04 3.71 7.99
CA THR A 66 22.15 4.56 8.37
C THR A 66 21.66 5.85 9.06
N ASN A 67 20.56 5.70 9.78
CA ASN A 67 19.90 6.82 10.41
C ASN A 67 19.39 6.33 11.74
N PRO A 68 20.32 6.13 12.71
CA PRO A 68 20.08 5.45 14.00
C PRO A 68 18.97 6.02 14.85
N GLU A 69 18.55 7.27 14.59
CA GLU A 69 17.55 7.98 15.39
C GLU A 69 16.12 7.44 15.24
N THR A 70 15.74 7.09 14.02
CA THR A 70 14.37 6.78 13.65
C THR A 70 14.16 5.30 13.37
N GLU A 71 15.21 4.60 13.00
CA GLU A 71 15.09 3.24 12.51
C GLU A 71 14.92 2.19 13.62
N LYS A 72 13.96 1.29 13.49
CA LYS A 72 13.66 0.27 14.52
C LYS A 72 13.43 -1.08 13.86
N GLU A 73 13.60 -2.16 14.61
CA GLU A 73 13.50 -3.52 14.07
C GLU A 73 12.07 -3.77 13.60
N GLU A 74 11.06 -3.34 14.38
CA GLU A 74 9.67 -3.62 13.99
C GLU A 74 9.36 -3.09 12.59
N TYR A 75 9.96 -1.95 12.23
CA TYR A 75 9.85 -1.47 10.89
C TYR A 75 10.48 -2.40 9.86
N ALA A 76 11.64 -2.97 10.21
CA ALA A 76 12.27 -4.00 9.35
C ALA A 76 11.37 -5.24 9.21
N ARG A 77 10.98 -5.85 10.33
CA ARG A 77 10.08 -7.01 10.33
C ARG A 77 8.87 -6.77 9.47
N ALA A 78 8.24 -5.61 9.72
CA ALA A 78 7.07 -5.16 9.02
C ALA A 78 7.33 -5.08 7.53
N ILE A 79 8.47 -4.52 7.14
CA ILE A 79 8.84 -4.49 5.71
C ILE A 79 8.88 -5.89 5.10
N GLU A 80 9.60 -6.80 5.76
CA GLU A 80 9.75 -8.16 5.23
C GLU A 80 8.37 -8.85 5.12
N GLU A 81 7.55 -8.69 6.16
CA GLU A 81 6.18 -9.15 6.16
C GLU A 81 5.44 -8.69 4.91
N ASP A 82 5.64 -7.43 4.50
CA ASP A 82 4.85 -6.89 3.45
C ASP A 82 5.38 -7.34 2.11
N VAL A 83 6.70 -7.44 2.00
CA VAL A 83 7.32 -7.98 0.79
C VAL A 83 6.86 -9.42 0.47
N ARG A 84 6.78 -10.23 1.50
CA ARG A 84 6.45 -11.62 1.32
C ARG A 84 4.96 -11.74 1.14
N TRP A 85 4.23 -10.77 1.69
CA TRP A 85 2.79 -10.71 1.52
C TRP A 85 2.45 -10.56 0.03
N LEU A 86 3.22 -9.71 -0.66
CA LEU A 86 3.03 -9.47 -2.11
C LEU A 86 3.51 -10.64 -2.94
N GLY A 87 4.07 -11.66 -2.30
CA GLY A 87 4.36 -12.87 -3.00
C GLY A 87 5.81 -13.03 -3.35
N PHE A 88 6.63 -12.13 -2.84
CA PHE A 88 8.00 -12.10 -3.31
C PHE A 88 8.97 -12.73 -2.31
N ARG A 89 10.07 -13.28 -2.82
CA ARG A 89 10.93 -14.08 -1.97
C ARG A 89 12.37 -13.61 -2.07
N PRO A 90 12.75 -12.64 -1.23
CA PRO A 90 14.10 -12.13 -1.24
C PRO A 90 15.13 -13.26 -1.29
N THR A 91 16.12 -13.12 -2.15
CA THR A 91 17.25 -14.01 -2.19
C THR A 91 18.03 -13.99 -0.88
N ARG A 92 18.08 -12.83 -0.23
CA ARG A 92 18.80 -12.62 1.03
C ARG A 92 18.15 -11.49 1.79
N VAL A 93 18.27 -11.52 3.12
CA VAL A 93 17.89 -10.37 3.91
C VAL A 93 19.13 -9.76 4.57
N LEU A 94 19.30 -8.48 4.33
CA LEU A 94 20.56 -7.84 4.64
C LEU A 94 20.33 -6.48 5.28
N TYR A 95 21.32 -6.08 6.07
CA TYR A 95 21.24 -4.84 6.76
C TYR A 95 22.47 -4.02 6.40
N ALA A 96 22.27 -2.92 5.68
CA ALA A 96 23.36 -2.01 5.37
C ALA A 96 24.37 -1.94 6.50
N SER A 97 23.83 -1.74 7.70
CA SER A 97 24.64 -1.52 8.91
C SER A 97 25.54 -2.66 9.30
N ASP A 98 25.32 -3.83 8.72
CA ASP A 98 26.33 -4.90 8.90
C ASP A 98 27.61 -4.66 8.08
N TYR A 99 27.57 -3.65 7.21
CA TYR A 99 28.69 -3.32 6.36
C TYR A 99 29.38 -2.05 6.86
N PHE A 100 29.01 -1.61 8.05
CA PHE A 100 29.58 -0.40 8.61
C PHE A 100 31.12 -0.32 8.71
N GLU A 101 31.74 -1.46 9.08
CA GLU A 101 33.20 -1.60 9.19
C GLU A 101 33.84 -1.40 7.81
N THR A 102 33.39 -2.18 6.84
CA THR A 102 33.88 -2.04 5.48
C THR A 102 33.76 -0.59 4.98
N MET A 103 32.61 0.02 5.21
CA MET A 103 32.44 1.43 4.89
C MET A 103 33.43 2.34 5.61
N TYR A 104 33.61 2.16 6.90
CA TYR A 104 34.58 3.00 7.61
C TYR A 104 36.01 2.81 7.04
N GLN A 105 36.39 1.55 6.78
CA GLN A 105 37.66 1.24 6.10
C GLN A 105 37.80 1.97 4.78
N CYS A 106 36.71 2.02 4.02
CA CYS A 106 36.75 2.62 2.72
C CYS A 106 36.88 4.11 2.84
N ALA A 107 36.65 4.61 4.05
CA ALA A 107 36.79 6.03 4.28
C ALA A 107 38.24 6.32 4.56
N LEU A 108 38.84 5.50 5.42
CA LEU A 108 40.24 5.72 5.70
C LEU A 108 40.96 5.86 4.35
N VAL A 109 40.60 4.99 3.40
CA VAL A 109 41.27 4.94 2.12
C VAL A 109 41.16 6.27 1.39
N LEU A 110 39.94 6.77 1.26
CA LEU A 110 39.73 8.14 0.83
C LEU A 110 40.61 9.18 1.57
N ILE A 111 40.61 9.19 2.90
CA ILE A 111 41.42 10.20 3.57
C ILE A 111 42.90 10.03 3.24
N GLN A 112 43.39 8.80 3.33
CA GLN A 112 44.74 8.49 2.88
C GLN A 112 45.09 9.05 1.53
N GLU A 113 44.24 8.84 0.55
CA GLU A 113 44.54 9.33 -0.81
C GLU A 113 44.24 10.83 -1.02
N GLY A 114 43.91 11.54 0.05
CA GLY A 114 43.62 12.96 0.01
C GLY A 114 42.31 13.28 -0.70
N LYS A 115 41.37 12.34 -0.63
CA LYS A 115 40.11 12.47 -1.35
C LYS A 115 38.96 12.89 -0.41
N ALA A 116 39.26 13.00 0.87
CA ALA A 116 38.27 13.43 1.87
C ALA A 116 38.92 14.01 3.10
N TYR A 117 38.17 14.88 3.76
CA TYR A 117 38.69 15.66 4.89
C TYR A 117 37.60 15.93 5.93
N VAL A 118 38.02 16.05 7.19
CA VAL A 118 37.15 16.51 8.29
C VAL A 118 36.90 18.03 8.16
N ASP A 119 35.66 18.44 8.43
CA ASP A 119 35.24 19.84 8.33
C ASP A 119 34.69 20.35 9.67
N ASP A 120 35.39 21.32 10.27
CA ASP A 120 35.01 21.88 11.59
C ASP A 120 33.91 22.98 11.53
N LEU A 121 33.68 23.54 10.37
CA LEU A 121 32.70 24.61 10.19
C LEU A 121 31.31 24.21 10.64
N PRO A 122 30.53 25.16 11.18
CA PRO A 122 29.15 24.79 11.56
C PRO A 122 28.25 24.66 10.32
N GLU A 123 27.24 23.79 10.42
CA GLU A 123 26.36 23.55 9.29
C GLU A 123 26.02 24.82 8.48
N GLU A 124 25.54 25.85 9.15
CA GLU A 124 25.07 27.09 8.49
C GLU A 124 26.16 27.85 7.72
N GLU A 125 27.39 27.83 8.22
CA GLU A 125 28.49 28.31 7.43
C GLU A 125 28.84 27.40 6.22
N MET A 126 28.72 26.10 6.37
CA MET A 126 29.05 25.19 5.28
C MET A 126 28.14 25.46 4.09
N SER A 127 26.85 25.67 4.37
CA SER A 127 25.87 25.78 3.29
C SER A 127 25.89 27.15 2.66
N GLU A 128 26.33 28.14 3.42
CA GLU A 128 26.46 29.46 2.88
C GLU A 128 27.67 29.52 1.97
N LEU A 129 28.75 28.85 2.38
CA LEU A 129 29.92 28.77 1.52
C LEU A 129 29.60 27.97 0.23
N ARG A 130 28.92 26.83 0.39
CA ARG A 130 28.52 25.99 -0.74
C ARG A 130 27.67 26.78 -1.75
N ALA A 131 26.70 27.56 -1.25
CA ALA A 131 25.86 28.44 -2.07
C ALA A 131 26.68 29.50 -2.74
N GLN A 132 27.82 29.85 -2.14
CA GLN A 132 28.72 30.80 -2.76
C GLN A 132 29.73 30.04 -3.62
N GLY A 133 29.71 28.71 -3.53
CA GLY A 133 30.65 27.90 -4.25
C GLY A 133 32.10 28.17 -3.92
N LYS A 134 32.38 28.58 -2.68
CA LYS A 134 33.76 28.78 -2.17
C LYS A 134 34.14 27.60 -1.26
N PRO A 135 35.44 27.40 -0.97
CA PRO A 135 35.88 26.24 -0.18
C PRO A 135 35.86 26.45 1.31
N SER A 136 35.61 25.39 2.05
CA SER A 136 35.86 25.42 3.49
C SER A 136 37.36 25.74 3.74
N PRO A 137 37.66 26.56 4.76
CA PRO A 137 39.07 26.70 5.16
C PRO A 137 39.72 25.34 5.47
N TYR A 138 38.96 24.43 6.05
CA TYR A 138 39.55 23.18 6.47
C TYR A 138 39.79 22.23 5.30
N ARG A 139 39.28 22.61 4.14
CA ARG A 139 39.38 21.73 2.97
C ARG A 139 40.77 21.13 2.69
N GLU A 140 41.85 21.90 2.85
CA GLU A 140 43.17 21.37 2.43
C GLU A 140 44.03 21.02 3.63
N ARG A 141 43.41 20.38 4.62
CA ARG A 141 44.16 19.75 5.73
C ARG A 141 44.98 18.56 5.24
N SER A 142 46.11 18.31 5.91
CA SER A 142 46.96 17.17 5.58
C SER A 142 46.19 15.89 5.88
N VAL A 143 46.56 14.81 5.17
CA VAL A 143 46.17 13.42 5.43
C VAL A 143 46.25 13.07 6.92
N GLU A 144 47.37 13.40 7.53
CA GLU A 144 47.61 12.98 8.89
C GLU A 144 46.62 13.60 9.87
N GLU A 145 46.47 14.92 9.75
CA GLU A 145 45.62 15.64 10.67
C GLU A 145 44.17 15.12 10.54
N ASN A 146 43.74 14.85 9.31
CA ASN A 146 42.40 14.36 9.04
C ASN A 146 42.17 13.00 9.69
N LEU A 147 43.11 12.07 9.51
CA LEU A 147 42.94 10.73 10.07
C LEU A 147 42.83 10.83 11.59
N GLU A 148 43.67 11.66 12.16
CA GLU A 148 43.66 11.85 13.58
C GLU A 148 42.32 12.44 14.06
N LEU A 149 41.76 13.40 13.34
CA LEU A 149 40.44 13.94 13.76
C LEU A 149 39.30 12.92 13.60
N PHE A 150 39.21 12.32 12.42
CA PHE A 150 38.26 11.27 12.15
C PHE A 150 38.30 10.21 13.22
N GLU A 151 39.52 9.80 13.56
CA GLU A 151 39.68 8.85 14.64
C GLU A 151 39.08 9.39 15.96
N ARG A 152 39.38 10.66 16.29
CA ARG A 152 38.77 11.28 17.48
C ARG A 152 37.24 11.36 17.38
N MET A 153 36.73 11.57 16.15
CA MET A 153 35.33 11.50 15.92
C MET A 153 34.80 10.11 16.24
N ARG A 154 35.53 9.10 15.80
CA ARG A 154 35.09 7.71 15.97
C ARG A 154 34.89 7.41 17.43
N ARG A 155 35.77 7.97 18.24
CA ARG A 155 35.88 7.66 19.67
C ARG A 155 34.81 8.41 20.41
N GLY A 156 34.20 9.37 19.73
CA GLY A 156 32.98 10.00 20.24
C GLY A 156 33.39 11.20 21.05
N GLU A 157 34.57 11.70 20.70
CA GLU A 157 35.14 12.80 21.39
C GLU A 157 34.38 14.07 21.08
N PHE A 158 33.73 14.13 19.91
CA PHE A 158 32.94 15.31 19.51
C PHE A 158 31.47 14.97 19.59
N PRO A 159 30.61 15.97 19.86
CA PRO A 159 29.18 15.72 20.01
C PRO A 159 28.43 15.74 18.68
N THR A 160 27.16 15.38 18.74
CA THR A 160 26.32 15.25 17.58
C THR A 160 26.20 16.50 16.69
N GLY A 161 26.49 16.32 15.40
CA GLY A 161 26.39 17.39 14.36
C GLY A 161 27.64 18.26 14.27
N SER A 162 28.55 18.12 15.23
CA SER A 162 29.69 19.05 15.33
C SER A 162 30.76 18.96 14.26
N ARG A 163 30.88 17.83 13.59
CA ARG A 163 31.98 17.60 12.67
C ARG A 163 31.53 16.64 11.59
N VAL A 164 32.12 16.80 10.41
CA VAL A 164 31.70 15.95 9.32
C VAL A 164 32.87 15.62 8.43
N LEU A 165 32.88 14.42 7.89
CA LEU A 165 33.83 14.09 6.83
C LEU A 165 33.18 14.40 5.46
N ARG A 166 33.94 15.04 4.59
CA ARG A 166 33.44 15.46 3.29
C ARG A 166 34.39 15.05 2.20
N ALA A 167 33.84 14.73 1.03
CA ALA A 167 34.64 14.56 -0.20
C ALA A 167 35.29 15.86 -0.68
N LYS A 168 36.55 15.76 -1.07
CA LYS A 168 37.22 16.85 -1.78
C LYS A 168 36.99 16.67 -3.26
N ILE A 169 36.04 17.41 -3.82
CA ILE A 169 35.68 17.24 -5.23
C ILE A 169 35.87 18.60 -5.91
N ASP A 170 34.85 19.44 -5.91
CA ASP A 170 34.92 20.78 -6.46
C ASP A 170 33.85 21.56 -5.76
N PRO A 171 34.25 22.55 -4.94
CA PRO A 171 33.29 23.43 -4.26
C PRO A 171 32.64 24.43 -5.19
N ALA A 172 33.29 24.75 -6.32
CA ALA A 172 32.70 25.67 -7.28
C ALA A 172 31.98 24.93 -8.40
N HIS A 173 31.66 23.66 -8.15
CA HIS A 173 31.06 22.82 -9.16
C HIS A 173 29.68 23.33 -9.58
N PRO A 174 29.38 23.28 -10.87
CA PRO A 174 28.03 23.68 -11.31
C PRO A 174 26.93 22.86 -10.70
N ASN A 175 27.23 21.62 -10.37
CA ASN A 175 26.29 20.79 -9.66
C ASN A 175 26.54 20.93 -8.16
N PHE A 176 25.54 21.49 -7.49
CA PHE A 176 25.55 21.73 -6.05
C PHE A 176 25.97 20.47 -5.30
N LYS A 177 25.39 19.33 -5.70
CA LYS A 177 25.51 18.11 -4.94
C LYS A 177 26.97 17.68 -4.90
N LEU A 178 27.76 18.17 -5.85
CA LEU A 178 29.16 17.76 -5.93
C LEU A 178 30.11 18.70 -5.19
N ARG A 179 29.53 19.72 -4.56
CA ARG A 179 30.34 20.65 -3.79
C ARG A 179 30.71 20.01 -2.47
N ASP A 180 31.69 19.13 -2.55
CA ASP A 180 32.32 18.54 -1.39
C ASP A 180 31.30 17.85 -0.49
N PRO A 181 30.42 17.02 -1.07
CA PRO A 181 29.32 16.46 -0.26
C PRO A 181 29.81 15.68 0.98
N VAL A 182 28.93 15.57 1.97
CA VAL A 182 29.24 14.95 3.26
C VAL A 182 29.17 13.43 3.21
N LEU A 183 30.24 12.76 3.61
CA LEU A 183 30.33 11.30 3.70
C LEU A 183 30.01 10.70 5.09
N TYR A 184 30.46 11.39 6.15
CA TYR A 184 30.26 10.92 7.51
C TYR A 184 29.81 12.03 8.43
N ARG A 185 28.86 11.66 9.30
CA ARG A 185 28.38 12.59 10.35
C ARG A 185 28.50 11.97 11.76
N ILE A 186 28.14 12.75 12.78
CA ILE A 186 28.25 12.20 14.12
C ILE A 186 26.91 12.17 14.76
N VAL A 187 26.48 10.98 15.17
CA VAL A 187 25.27 10.86 15.98
C VAL A 187 25.64 10.05 17.18
N HIS A 188 25.43 10.62 18.37
CA HIS A 188 25.68 9.88 19.61
C HIS A 188 24.44 9.15 19.97
N ALA A 189 24.17 8.09 19.23
CA ALA A 189 22.94 7.36 19.45
C ALA A 189 23.16 5.93 19.05
N PRO A 190 22.52 5.02 19.78
CA PRO A 190 22.56 3.58 19.47
C PRO A 190 21.69 3.17 18.27
N HIS A 191 22.20 2.23 17.50
CA HIS A 191 21.51 1.67 16.35
C HIS A 191 20.76 0.41 16.80
N TYR A 192 19.51 0.24 16.35
CA TYR A 192 18.66 -0.93 16.68
C TYR A 192 19.35 -2.27 16.29
N HIS A 193 20.13 -2.31 15.22
CA HIS A 193 20.67 -3.57 14.71
C HIS A 193 22.01 -3.92 15.26
N VAL A 194 22.88 -2.92 15.28
CA VAL A 194 24.28 -3.15 15.56
C VAL A 194 24.64 -2.60 16.92
N GLY A 195 23.65 -2.00 17.60
CA GLY A 195 23.83 -1.56 18.99
C GLY A 195 24.65 -0.28 19.12
N ASP A 196 25.61 -0.25 20.08
CA ASP A 196 26.30 1.00 20.44
C ASP A 196 27.68 1.08 19.87
N ARG A 197 28.00 0.23 18.89
CA ARG A 197 29.37 0.19 18.41
C ARG A 197 29.81 1.49 17.75
N TRP A 198 28.88 2.18 17.09
CA TRP A 198 29.21 3.38 16.30
C TRP A 198 28.56 4.67 16.75
N VAL A 199 29.33 5.72 16.55
CA VAL A 199 28.99 7.09 16.94
C VAL A 199 29.18 8.02 15.71
N ILE A 200 29.73 7.44 14.65
CA ILE A 200 29.87 8.09 13.36
C ILE A 200 29.21 7.18 12.34
N TYR A 201 28.41 7.79 11.45
CA TYR A 201 27.59 7.07 10.50
C TYR A 201 27.67 7.73 9.15
N PRO A 202 27.81 6.91 8.07
CA PRO A 202 27.87 7.41 6.68
C PRO A 202 26.53 7.97 6.23
N MET A 203 26.59 8.89 5.28
CA MET A 203 25.39 9.47 4.71
C MET A 203 24.86 8.59 3.59
N TYR A 204 23.59 8.77 3.21
CA TYR A 204 23.03 8.06 2.07
C TYR A 204 24.03 7.92 0.88
N ASP A 205 24.47 9.08 0.36
CA ASP A 205 25.29 9.17 -0.85
C ASP A 205 26.59 8.38 -0.80
N PHE A 206 27.10 8.12 0.39
CA PHE A 206 28.34 7.32 0.49
C PHE A 206 28.00 5.82 0.72
N ALA A 207 27.09 5.55 1.65
CA ALA A 207 26.67 4.17 1.95
C ALA A 207 25.89 3.44 0.83
N HIS A 208 25.06 4.17 0.12
CA HIS A 208 24.35 3.46 -0.89
C HIS A 208 25.24 2.77 -1.94
N PRO A 209 26.14 3.52 -2.60
CA PRO A 209 26.92 2.88 -3.61
C PRO A 209 27.65 1.68 -3.03
N LEU A 210 28.20 1.85 -1.83
CA LEU A 210 29.02 0.83 -1.21
C LEU A 210 28.22 -0.48 -0.86
N GLU A 211 27.05 -0.29 -0.26
CA GLU A 211 26.13 -1.41 -0.07
C GLU A 211 25.82 -2.12 -1.44
N ASP A 212 25.45 -1.36 -2.50
CA ASP A 212 25.34 -1.98 -3.85
C ASP A 212 26.59 -2.79 -4.25
N PHE A 213 27.74 -2.10 -4.23
CA PHE A 213 29.01 -2.67 -4.64
C PHE A 213 29.36 -3.93 -3.84
N ILE A 214 29.18 -3.86 -2.52
CA ILE A 214 29.47 -4.99 -1.68
C ILE A 214 28.60 -6.17 -2.10
N GLU A 215 27.39 -5.91 -2.54
CA GLU A 215 26.47 -7.01 -2.81
C GLU A 215 26.62 -7.57 -4.20
N GLY A 216 27.48 -6.94 -5.02
CA GLY A 216 27.60 -7.28 -6.45
C GLY A 216 26.31 -7.02 -7.20
N VAL A 217 25.57 -5.97 -6.80
CA VAL A 217 24.35 -5.55 -7.54
C VAL A 217 24.79 -5.20 -8.96
N THR A 218 23.91 -5.41 -9.92
CA THR A 218 24.22 -5.13 -11.30
C THR A 218 23.38 -3.94 -11.73
N HIS A 219 22.12 -3.94 -11.33
CA HIS A 219 21.19 -2.90 -11.73
C HIS A 219 20.58 -2.29 -10.48
N SER A 220 20.88 -1.00 -10.29
CA SER A 220 20.40 -0.29 -9.13
C SER A 220 19.23 0.59 -9.49
N LEU A 221 18.02 0.21 -9.04
CA LEU A 221 16.81 0.91 -9.47
C LEU A 221 16.21 1.66 -8.33
N CYS A 222 16.14 2.98 -8.54
CA CYS A 222 15.68 4.02 -7.60
C CYS A 222 14.75 4.98 -8.39
N THR A 223 14.00 5.81 -7.69
CA THR A 223 13.06 6.71 -8.34
C THR A 223 13.77 8.03 -8.60
N LEU A 224 13.18 8.90 -9.42
CA LEU A 224 13.77 10.23 -9.64
C LEU A 224 13.55 11.12 -8.41
N THR A 231 25.35 10.86 -9.78
CA THR A 231 26.58 11.63 -10.05
C THR A 231 27.56 11.50 -8.87
N VAL A 232 27.09 11.68 -7.64
CA VAL A 232 27.88 11.40 -6.43
C VAL A 232 28.10 9.90 -6.20
N TYR A 233 27.03 9.13 -6.40
CA TYR A 233 27.10 7.70 -6.59
C TYR A 233 28.31 7.23 -7.46
N ASP A 234 28.37 7.67 -8.73
CA ASP A 234 29.50 7.35 -9.61
C ASP A 234 30.84 7.73 -8.97
N TRP A 235 30.91 8.95 -8.45
CA TRP A 235 32.16 9.44 -7.88
C TRP A 235 32.62 8.51 -6.77
N VAL A 236 31.68 7.91 -6.04
CA VAL A 236 32.07 7.03 -4.92
C VAL A 236 32.61 5.72 -5.46
N ILE A 237 31.91 5.15 -6.43
CA ILE A 237 32.39 3.94 -7.10
C ILE A 237 33.76 4.12 -7.79
N GLU A 238 33.91 5.17 -8.59
CA GLU A 238 35.04 5.25 -9.48
C GLU A 238 36.30 5.46 -8.62
N ASN A 239 36.15 6.23 -7.54
CA ASN A 239 37.28 6.42 -6.60
C ASN A 239 37.58 5.26 -5.64
N LEU A 240 36.73 4.23 -5.64
CA LEU A 240 36.93 3.11 -4.75
C LEU A 240 36.98 1.72 -5.46
N LYS A 241 36.63 1.65 -6.75
CA LYS A 241 36.73 0.35 -7.45
C LYS A 241 38.11 -0.29 -7.22
N GLY A 242 38.09 -1.52 -6.70
CA GLY A 242 39.32 -2.22 -6.36
C GLY A 242 39.98 -1.96 -5.02
N LYS A 243 39.34 -1.21 -4.12
CA LYS A 243 39.93 -1.00 -2.78
C LYS A 243 39.13 -1.77 -1.70
N CYS A 244 39.58 -1.77 -0.44
CA CYS A 244 38.89 -2.52 0.66
C CYS A 244 38.38 -3.92 0.21
N GLY A 245 39.11 -4.57 -0.71
CA GLY A 245 38.67 -5.86 -1.23
C GLY A 245 37.25 -5.96 -1.78
N LEU A 246 36.64 -4.80 -2.07
CA LEU A 246 35.51 -4.75 -3.00
C LEU A 246 36.02 -5.20 -4.38
N PRO A 247 35.21 -5.95 -5.15
CA PRO A 247 35.67 -6.41 -6.49
C PRO A 247 36.00 -5.24 -7.45
N THR A 248 36.96 -5.43 -8.35
CA THR A 248 37.45 -4.36 -9.25
C THR A 248 36.44 -4.12 -10.40
N SER A 249 35.79 -5.21 -10.80
CA SER A 249 34.55 -5.16 -11.56
C SER A 249 33.76 -6.45 -11.36
N PRO A 250 32.49 -6.47 -11.80
CA PRO A 250 31.79 -5.36 -12.47
C PRO A 250 31.30 -4.28 -11.48
N ARG A 251 30.67 -3.25 -12.01
CA ARG A 251 30.17 -2.23 -11.14
C ARG A 251 28.70 -2.01 -11.42
N PRO A 252 27.90 -1.74 -10.37
CA PRO A 252 26.48 -1.43 -10.47
C PRO A 252 26.22 -0.16 -11.23
N HIS A 253 25.04 -0.08 -11.84
CA HIS A 253 24.63 1.11 -12.56
C HIS A 253 23.22 1.55 -12.17
N GLN A 254 23.12 2.81 -11.77
CA GLN A 254 21.87 3.42 -11.36
C GLN A 254 20.91 3.55 -12.55
N TYR A 255 19.62 3.30 -12.37
CA TYR A 255 18.60 3.63 -13.38
C TYR A 255 17.36 4.06 -12.64
N GLU A 256 16.55 4.88 -13.29
CA GLU A 256 15.56 5.62 -12.57
C GLU A 256 14.19 5.47 -13.18
N PHE A 257 13.20 5.25 -12.33
CA PHE A 257 11.81 5.15 -12.78
C PHE A 257 11.03 6.22 -11.99
N ALA A 258 9.76 6.40 -12.35
CA ALA A 258 9.02 7.48 -11.73
C ALA A 258 8.26 7.00 -10.51
N ARG A 259 8.31 7.84 -9.47
CA ARG A 259 7.42 7.83 -8.30
C ARG A 259 5.99 7.45 -8.76
N LEU A 260 5.28 6.59 -8.02
CA LEU A 260 3.81 6.46 -8.22
C LEU A 260 3.03 7.54 -7.45
N ASP A 261 2.24 8.33 -8.16
CA ASP A 261 1.45 9.41 -7.59
C ASP A 261 0.02 9.04 -7.86
N LEU A 262 -0.66 8.53 -6.83
CA LEU A 262 -2.06 8.10 -6.92
C LEU A 262 -3.07 9.17 -6.47
N SER A 263 -4.05 9.49 -7.30
CA SER A 263 -5.07 10.49 -6.96
C SER A 263 -5.82 10.17 -5.64
N HIS A 264 -6.33 11.20 -4.99
CA HIS A 264 -7.20 11.02 -3.82
C HIS A 264 -6.49 10.40 -2.59
N THR A 265 -5.17 10.44 -2.59
CA THR A 265 -4.36 9.75 -1.60
C THR A 265 -3.10 10.53 -1.42
N VAL A 266 -2.62 10.62 -0.20
CA VAL A 266 -1.29 11.18 0.08
C VAL A 266 -0.30 10.03 0.34
N LEU A 267 0.96 10.23 -0.02
CA LEU A 267 1.97 9.23 0.31
C LEU A 267 3.14 9.76 1.15
N SER A 268 3.30 11.09 1.25
CA SER A 268 4.47 11.63 1.95
C SER A 268 4.42 11.27 3.41
N LYS A 269 5.51 10.66 3.89
CA LYS A 269 5.57 10.13 5.23
C LYS A 269 5.22 11.17 6.27
N ARG A 270 5.52 12.43 5.99
CA ARG A 270 5.17 13.45 6.99
C ARG A 270 3.66 13.65 7.10
N LYS A 271 2.97 13.53 5.98
CA LYS A 271 1.52 13.73 5.97
C LYS A 271 0.80 12.57 6.62
N LEU A 272 1.26 11.38 6.25
CA LEU A 272 0.75 10.19 6.84
C LEU A 272 0.93 10.27 8.35
N ILE A 273 2.10 10.72 8.81
CA ILE A 273 2.28 10.89 10.24
C ILE A 273 1.22 11.79 10.85
N LYS A 274 0.87 12.88 10.13
CA LYS A 274 -0.15 13.84 10.62
C LYS A 274 -1.57 13.19 10.75
N LEU A 275 -1.95 12.34 9.77
CA LEU A 275 -3.20 11.58 9.83
C LEU A 275 -3.32 10.57 10.97
N VAL A 276 -2.21 9.90 11.34
CA VAL A 276 -2.23 8.93 12.44
C VAL A 276 -2.28 9.68 13.78
N GLU A 277 -1.22 10.46 14.01
CA GLU A 277 -1.06 11.22 15.24
C GLU A 277 -2.24 12.16 15.47
N GLY A 278 -2.70 12.79 14.39
CA GLY A 278 -3.88 13.66 14.42
C GLY A 278 -5.16 12.97 14.83
N GLY A 279 -5.19 11.63 14.75
CA GLY A 279 -6.37 10.83 15.07
C GLY A 279 -7.40 10.77 13.94
N TYR A 280 -7.11 11.44 12.82
CA TYR A 280 -7.95 11.35 11.62
C TYR A 280 -8.11 9.92 11.07
N VAL A 281 -7.30 9.01 11.60
CA VAL A 281 -7.27 7.63 11.19
C VAL A 281 -6.79 6.83 12.39
N SER A 282 -7.27 5.61 12.50
CA SER A 282 -7.18 4.90 13.79
C SER A 282 -5.82 4.27 14.07
N GLY A 283 -4.98 4.22 13.05
CA GLY A 283 -3.72 3.49 13.17
C GLY A 283 -3.15 3.18 11.81
N TRP A 284 -1.90 2.72 11.82
CA TRP A 284 -1.16 2.52 10.61
C TRP A 284 -1.72 1.47 9.64
N ASP A 285 -2.50 0.53 10.18
CA ASP A 285 -3.14 -0.50 9.33
C ASP A 285 -4.59 -0.14 9.08
N ASP A 286 -4.97 1.12 9.32
CA ASP A 286 -6.35 1.53 9.09
C ASP A 286 -6.67 1.36 7.62
N PRO A 287 -7.74 0.61 7.32
CA PRO A 287 -8.01 0.37 5.90
C PRO A 287 -8.24 1.67 5.09
N ARG A 288 -8.40 2.82 5.76
CA ARG A 288 -8.53 4.07 5.04
C ARG A 288 -7.20 4.44 4.42
N LEU A 289 -6.11 3.86 4.91
CA LEU A 289 -4.79 4.33 4.55
C LEU A 289 -4.30 3.54 3.37
N PRO A 290 -3.33 4.09 2.60
CA PRO A 290 -2.77 3.34 1.48
C PRO A 290 -1.51 2.53 1.87
N THR A 291 -1.26 2.35 3.16
CA THR A 291 -0.19 1.47 3.60
C THR A 291 -0.52 0.09 3.11
N LEU A 292 0.49 -0.77 3.01
CA LEU A 292 0.25 -2.14 2.63
C LEU A 292 -0.49 -2.90 3.73
N ARG A 293 -0.06 -2.69 4.98
CA ARG A 293 -0.85 -2.99 6.20
C ARG A 293 -2.36 -2.71 6.07
N GLY A 294 -2.68 -1.46 5.69
CA GLY A 294 -4.07 -1.00 5.67
C GLY A 294 -4.83 -1.72 4.57
N LEU A 295 -4.21 -1.72 3.39
CA LEU A 295 -4.74 -2.43 2.27
C LEU A 295 -4.95 -3.92 2.52
N ARG A 296 -3.99 -4.58 3.18
CA ARG A 296 -4.12 -5.97 3.61
C ARG A 296 -5.34 -6.09 4.49
N ARG A 297 -5.41 -5.23 5.51
CA ARG A 297 -6.51 -5.32 6.48
C ARG A 297 -7.85 -4.92 5.87
N ARG A 298 -7.79 -4.02 4.90
CA ARG A 298 -8.95 -3.65 4.12
C ARG A 298 -9.56 -4.90 3.47
N GLY A 299 -8.71 -5.72 2.86
CA GLY A 299 -9.19 -6.91 2.14
C GLY A 299 -8.70 -7.02 0.72
N VAL A 300 -8.06 -5.97 0.23
CA VAL A 300 -7.36 -6.06 -1.03
C VAL A 300 -6.42 -7.25 -1.02
N ARG A 301 -6.35 -7.95 -2.13
CA ARG A 301 -5.41 -9.07 -2.25
C ARG A 301 -4.10 -8.64 -2.87
N PRO A 302 -3.00 -9.27 -2.43
CA PRO A 302 -1.69 -8.87 -2.89
C PRO A 302 -1.64 -9.00 -4.39
N GLU A 303 -2.44 -9.88 -4.95
CA GLU A 303 -2.45 -10.06 -6.40
C GLU A 303 -2.96 -8.82 -7.12
N ALA A 304 -3.92 -8.14 -6.52
CA ALA A 304 -4.48 -6.94 -7.15
C ALA A 304 -3.49 -5.78 -7.11
N ILE A 305 -2.76 -5.65 -6.01
CA ILE A 305 -1.75 -4.64 -5.92
C ILE A 305 -0.62 -4.89 -6.92
N VAL A 306 -0.26 -6.14 -7.09
CA VAL A 306 0.78 -6.45 -8.00
C VAL A 306 0.30 -6.23 -9.42
N GLU A 307 -0.99 -6.53 -9.67
CA GLU A 307 -1.62 -6.35 -10.97
C GLU A 307 -1.70 -4.84 -11.26
N PHE A 308 -2.42 -4.11 -10.43
CA PHE A 308 -2.34 -2.65 -10.43
C PHE A 308 -0.93 -2.15 -10.81
N VAL A 309 0.08 -2.56 -10.05
CA VAL A 309 1.41 -2.08 -10.34
C VAL A 309 1.85 -2.42 -11.75
N ARG A 310 1.68 -3.68 -12.19
CA ARG A 310 2.03 -4.06 -13.57
C ARG A 310 1.25 -3.18 -14.55
N LYS A 311 -0.08 -3.32 -14.52
CA LYS A 311 -0.99 -2.62 -15.41
C LYS A 311 -0.53 -1.16 -15.66
N THR A 312 -0.11 -0.44 -14.60
CA THR A 312 0.27 0.98 -14.71
C THR A 312 1.61 1.25 -15.37
N GLY A 313 2.41 0.21 -15.57
CA GLY A 313 3.71 0.37 -16.22
C GLY A 313 4.82 1.04 -15.41
N ILE A 314 6.02 1.00 -16.00
CA ILE A 314 7.25 1.57 -15.45
C ILE A 314 7.88 2.45 -16.53
N SER A 315 8.16 3.71 -16.18
CA SER A 315 8.67 4.68 -17.14
C SER A 315 9.20 5.95 -16.45
N ARG A 316 9.64 6.91 -17.26
CA ARG A 316 9.88 8.27 -16.75
C ARG A 316 8.56 9.09 -16.69
N ASN A 317 7.45 8.49 -17.14
CA ASN A 317 6.13 9.16 -17.33
C ASN A 317 5.33 9.26 -16.05
N GLU A 318 5.35 10.45 -15.48
CA GLU A 318 4.87 10.66 -14.11
C GLU A 318 3.42 11.13 -13.97
N ALA A 319 2.63 10.92 -15.04
CA ALA A 319 1.18 11.14 -14.98
C ALA A 319 0.58 10.64 -13.64
N GLN A 320 -0.33 11.41 -13.04
CA GLN A 320 -0.99 10.95 -11.81
C GLN A 320 -1.95 9.82 -12.15
N ILE A 321 -1.85 8.70 -11.43
CA ILE A 321 -2.71 7.57 -11.68
C ILE A 321 -4.05 7.78 -10.99
N GLU A 322 -5.13 7.39 -11.65
CA GLU A 322 -6.46 7.72 -11.17
C GLU A 322 -6.82 6.65 -10.20
N MET A 323 -7.49 7.04 -9.13
CA MET A 323 -7.91 6.05 -8.18
C MET A 323 -8.91 5.08 -8.86
N ASP A 324 -9.73 5.60 -9.79
CA ASP A 324 -10.73 4.76 -10.46
C ASP A 324 -10.09 3.48 -10.88
N LEU A 325 -8.86 3.61 -11.40
CA LEU A 325 -8.12 2.46 -11.95
C LEU A 325 -7.94 1.38 -10.87
N PHE A 326 -7.40 1.81 -9.72
CA PHE A 326 -7.11 0.91 -8.62
C PHE A 326 -8.40 0.18 -8.24
N GLU A 327 -9.45 0.94 -7.96
CA GLU A 327 -10.70 0.34 -7.53
C GLU A 327 -11.16 -0.62 -8.65
N GLU A 328 -10.98 -0.18 -9.90
CA GLU A 328 -11.34 -1.00 -11.03
C GLU A 328 -10.58 -2.33 -10.99
N VAL A 329 -9.28 -2.28 -10.64
CA VAL A 329 -8.46 -3.49 -10.61
C VAL A 329 -8.84 -4.44 -9.47
N VAL A 330 -9.03 -3.86 -8.29
CA VAL A 330 -9.50 -4.58 -7.12
C VAL A 330 -10.83 -5.31 -7.42
N ARG A 331 -11.79 -4.58 -7.99
CA ARG A 331 -13.02 -5.20 -8.48
C ARG A 331 -12.77 -6.40 -9.40
N ASP A 332 -12.01 -6.18 -10.48
CA ASP A 332 -11.72 -7.28 -11.42
C ASP A 332 -11.00 -8.38 -10.70
N ASP A 333 -10.11 -8.06 -9.77
CA ASP A 333 -9.37 -9.09 -9.03
C ASP A 333 -10.32 -10.08 -8.30
N LEU A 334 -11.39 -9.52 -7.73
CA LEU A 334 -12.19 -10.25 -6.76
C LEU A 334 -13.33 -10.96 -7.41
N ASN A 335 -13.68 -10.49 -8.61
CA ASN A 335 -14.85 -10.96 -9.33
C ASN A 335 -14.93 -12.47 -9.58
N PRO A 336 -13.81 -13.11 -9.95
CA PRO A 336 -13.88 -14.59 -10.10
C PRO A 336 -13.88 -15.43 -8.80
N ILE A 337 -13.60 -14.78 -7.67
CA ILE A 337 -13.30 -15.51 -6.43
C ILE A 337 -14.15 -15.09 -5.20
N ALA A 338 -14.91 -14.01 -5.34
CA ALA A 338 -15.82 -13.57 -4.27
C ALA A 338 -17.18 -14.20 -4.46
N PRO A 339 -17.50 -15.29 -3.73
CA PRO A 339 -18.85 -15.83 -3.82
C PRO A 339 -19.87 -14.73 -3.49
N ARG A 340 -21.07 -14.85 -4.05
CA ARG A 340 -22.04 -13.79 -3.84
C ARG A 340 -23.04 -14.18 -2.77
N VAL A 341 -23.15 -13.32 -1.76
CA VAL A 341 -24.09 -13.48 -0.66
C VAL A 341 -24.89 -12.21 -0.49
N LEU A 342 -25.86 -12.28 0.40
CA LEU A 342 -26.80 -11.18 0.61
C LEU A 342 -26.73 -10.72 2.05
N GLY A 343 -26.49 -9.44 2.21
CA GLY A 343 -26.63 -8.83 3.49
C GLY A 343 -27.17 -7.46 3.26
N VAL A 344 -27.63 -6.85 4.33
CA VAL A 344 -28.28 -5.60 4.32
C VAL A 344 -27.56 -4.68 5.28
N VAL A 345 -27.33 -3.46 4.82
CA VAL A 345 -26.48 -2.55 5.49
C VAL A 345 -27.29 -1.51 6.29
N ASP A 346 -28.44 -1.12 5.73
CA ASP A 346 -29.24 -0.08 6.33
C ASP A 346 -30.63 -0.66 6.38
N PRO A 347 -30.85 -1.54 7.36
CA PRO A 347 -32.00 -2.42 7.38
C PRO A 347 -33.30 -1.68 7.67
N LEU A 348 -34.29 -1.90 6.81
CA LEU A 348 -35.68 -1.57 7.09
C LEU A 348 -36.43 -2.88 7.10
N LYS A 349 -37.25 -3.09 8.14
CA LYS A 349 -38.02 -4.31 8.30
C LYS A 349 -39.17 -4.40 7.31
N VAL A 350 -39.55 -5.61 6.95
CA VAL A 350 -40.64 -5.90 6.03
C VAL A 350 -41.32 -7.15 6.53
N VAL A 351 -42.61 -7.01 6.79
CA VAL A 351 -43.42 -8.08 7.25
C VAL A 351 -44.27 -8.56 6.09
N LEU A 352 -44.47 -9.88 6.00
CA LEU A 352 -45.36 -10.44 4.98
C LEU A 352 -46.64 -11.01 5.63
N THR A 353 -47.76 -10.44 5.20
CA THR A 353 -49.05 -10.64 5.81
C THR A 353 -49.67 -11.91 5.27
N ASN A 354 -49.26 -12.32 4.07
CA ASN A 354 -49.85 -13.48 3.40
C ASN A 354 -48.89 -14.66 3.32
N TYR A 355 -47.99 -14.79 4.29
CA TYR A 355 -46.97 -15.85 4.29
C TYR A 355 -46.68 -16.31 5.70
N GLU A 356 -46.54 -17.61 5.83
CA GLU A 356 -46.32 -18.19 7.10
C GLU A 356 -45.18 -19.17 7.02
N GLY A 357 -44.56 -19.38 8.18
CA GLY A 357 -43.55 -20.42 8.39
C GLY A 357 -42.16 -20.07 7.91
N GLU A 358 -41.44 -21.07 7.43
CA GLU A 358 -40.17 -20.77 6.82
C GLU A 358 -39.92 -21.64 5.62
N GLU A 359 -38.91 -21.29 4.84
CA GLU A 359 -38.46 -22.15 3.78
C GLU A 359 -36.98 -21.81 3.51
N TRP A 360 -36.28 -22.72 2.85
CA TRP A 360 -34.91 -22.52 2.53
C TRP A 360 -34.76 -22.71 1.02
N ILE A 361 -34.13 -21.75 0.34
CA ILE A 361 -34.05 -21.73 -1.11
C ILE A 361 -32.64 -22.12 -1.53
N GLU A 362 -32.49 -22.98 -2.55
CA GLU A 362 -31.13 -23.20 -3.06
C GLU A 362 -30.82 -21.95 -3.82
N ALA A 363 -29.83 -21.19 -3.34
CA ALA A 363 -29.42 -19.96 -4.00
C ALA A 363 -28.00 -20.15 -4.50
N PRO A 364 -27.71 -19.71 -5.73
CA PRO A 364 -26.37 -19.74 -6.34
C PRO A 364 -25.34 -18.65 -5.88
N TYR A 365 -24.15 -19.09 -5.48
CA TYR A 365 -23.04 -18.20 -5.16
C TYR A 365 -22.56 -17.40 -6.37
N TRP A 366 -22.68 -17.97 -7.57
CA TRP A 366 -22.01 -17.38 -8.75
C TRP A 366 -22.98 -16.98 -9.85
N PRO A 367 -22.76 -15.80 -10.45
CA PRO A 367 -23.60 -15.36 -11.55
C PRO A 367 -23.39 -16.27 -12.76
N ARG A 368 -24.39 -16.30 -13.64
CA ARG A 368 -24.35 -17.13 -14.84
C ARG A 368 -22.92 -17.25 -15.43
N ASP A 369 -22.26 -16.10 -15.59
CA ASP A 369 -20.99 -15.98 -16.31
C ASP A 369 -19.66 -16.37 -15.59
N ILE A 370 -19.71 -16.80 -14.33
CA ILE A 370 -18.50 -17.33 -13.68
C ILE A 370 -18.56 -18.84 -13.82
N PRO A 371 -17.48 -19.51 -14.30
CA PRO A 371 -17.58 -20.96 -14.52
C PRO A 371 -18.01 -21.72 -13.27
N LYS A 372 -17.41 -21.38 -12.13
CA LYS A 372 -17.75 -22.02 -10.85
C LYS A 372 -19.27 -22.29 -10.64
N GLU A 373 -19.61 -23.51 -10.22
CA GLU A 373 -20.94 -23.81 -9.62
C GLU A 373 -20.80 -23.68 -8.08
N GLY A 374 -21.92 -23.72 -7.34
CA GLY A 374 -21.92 -23.51 -5.89
C GLY A 374 -23.27 -22.99 -5.38
N THR A 375 -23.63 -23.39 -4.16
CA THR A 375 -24.98 -23.25 -3.68
C THR A 375 -24.96 -23.14 -2.18
N ARG A 376 -26.07 -22.67 -1.61
CA ARG A 376 -26.22 -22.58 -0.18
C ARG A 376 -27.69 -22.50 0.12
N PRO A 377 -28.08 -23.01 1.29
CA PRO A 377 -29.47 -22.84 1.67
C PRO A 377 -29.71 -21.43 2.24
N LEU A 378 -30.58 -20.68 1.57
CA LEU A 378 -30.89 -19.31 1.89
C LEU A 378 -32.26 -19.26 2.54
N PRO A 379 -32.31 -18.78 3.78
CA PRO A 379 -33.58 -18.83 4.53
C PRO A 379 -34.53 -17.68 4.21
N PHE A 380 -35.79 -18.02 3.96
CA PHE A 380 -36.85 -17.06 3.75
C PHE A 380 -37.86 -17.18 4.87
N SER A 381 -38.62 -16.13 5.17
CA SER A 381 -39.59 -16.10 6.28
C SER A 381 -40.56 -14.87 6.17
N PRO A 382 -41.54 -14.72 7.09
CA PRO A 382 -42.47 -13.59 6.96
C PRO A 382 -41.88 -12.26 7.34
N GLU A 383 -40.68 -12.27 7.92
CA GLU A 383 -40.01 -11.02 8.29
C GLU A 383 -38.64 -10.90 7.67
N LEU A 384 -38.43 -9.79 6.95
CA LEU A 384 -37.14 -9.56 6.30
C LEU A 384 -36.67 -8.19 6.58
N TYR A 385 -35.38 -7.97 6.34
CA TYR A 385 -34.87 -6.61 6.19
C TYR A 385 -34.50 -6.35 4.74
N ILE A 386 -34.85 -5.16 4.27
CA ILE A 386 -34.32 -4.68 3.00
C ILE A 386 -33.56 -3.40 3.27
N GLU A 387 -32.89 -2.84 2.26
CA GLU A 387 -32.20 -1.55 2.46
C GLU A 387 -33.24 -0.46 2.52
N ARG A 388 -33.21 0.36 3.56
CA ARG A 388 -34.07 1.52 3.66
C ARG A 388 -34.11 2.25 2.27
N THR A 389 -32.95 2.46 1.66
CA THR A 389 -32.79 3.08 0.35
C THR A 389 -33.45 2.35 -0.84
N ASP A 390 -33.92 1.13 -0.67
CA ASP A 390 -34.68 0.47 -1.73
C ASP A 390 -36.16 0.74 -1.55
N PHE A 391 -36.50 1.68 -0.69
CA PHE A 391 -37.90 2.08 -0.58
C PHE A 391 -38.13 3.59 -0.69
N SER A 392 -38.97 3.99 -1.65
CA SER A 392 -39.38 5.39 -1.80
C SER A 392 -40.89 5.54 -1.69
N LEU A 393 -41.37 6.40 -0.80
CA LEU A 393 -42.81 6.77 -0.85
C LEU A 393 -43.06 7.63 -2.08
N ASN A 394 -42.09 8.46 -2.46
CA ASN A 394 -42.26 9.20 -3.69
C ASN A 394 -41.13 8.83 -4.68
N PRO A 395 -41.38 7.78 -5.49
CA PRO A 395 -40.30 7.27 -6.34
C PRO A 395 -40.12 8.12 -7.60
N PRO A 396 -38.85 8.32 -8.04
CA PRO A 396 -38.56 8.99 -9.32
C PRO A 396 -38.98 8.14 -10.55
N LYS A 397 -38.85 8.71 -11.76
CA LYS A 397 -39.30 8.05 -12.99
C LYS A 397 -38.62 6.73 -13.27
N GLY A 398 -37.30 6.66 -13.16
CA GLY A 398 -36.67 5.37 -13.37
C GLY A 398 -36.67 4.38 -12.19
N TRP A 399 -37.55 4.56 -11.20
CA TRP A 399 -37.39 3.82 -9.93
C TRP A 399 -37.65 2.32 -10.06
N LYS A 400 -36.57 1.56 -9.93
CA LYS A 400 -36.58 0.12 -10.13
C LYS A 400 -36.84 -0.73 -8.86
N ARG A 401 -37.06 -0.10 -7.72
CA ARG A 401 -37.15 -0.87 -6.45
C ARG A 401 -38.51 -0.69 -5.81
N LEU A 402 -38.62 -0.92 -4.51
CA LEU A 402 -39.93 -0.86 -3.88
C LEU A 402 -40.52 0.57 -3.75
N ALA A 403 -41.84 0.66 -3.94
CA ALA A 403 -42.64 1.87 -3.70
C ALA A 403 -44.10 1.46 -3.68
N PRO A 404 -45.01 2.37 -3.26
CA PRO A 404 -46.48 2.13 -3.23
C PRO A 404 -47.14 1.52 -4.47
N GLY A 405 -46.78 1.95 -5.66
CA GLY A 405 -47.40 1.29 -6.83
C GLY A 405 -46.72 -0.03 -7.20
N GLN A 406 -45.39 0.02 -7.16
CA GLN A 406 -44.48 -0.96 -7.71
C GLN A 406 -44.25 -2.23 -6.92
N ARG A 407 -44.13 -3.31 -7.66
CA ARG A 407 -43.73 -4.59 -7.12
C ARG A 407 -42.20 -4.64 -7.26
N VAL A 408 -41.57 -5.58 -6.55
CA VAL A 408 -40.10 -5.73 -6.62
C VAL A 408 -39.70 -7.18 -6.45
N ARG A 409 -38.67 -7.60 -7.17
CA ARG A 409 -38.12 -8.93 -7.05
C ARG A 409 -37.20 -9.02 -5.83
N LEU A 410 -37.55 -9.86 -4.85
CA LEU A 410 -36.56 -10.24 -3.87
C LEU A 410 -35.61 -11.20 -4.54
N ARG A 411 -34.31 -10.88 -4.50
CA ARG A 411 -33.26 -11.67 -5.15
C ARG A 411 -33.32 -13.12 -4.76
N HIS A 412 -33.34 -14.04 -5.73
CA HIS A 412 -33.43 -15.49 -5.47
C HIS A 412 -34.72 -15.99 -4.79
N ALA A 413 -35.72 -15.14 -4.72
CA ALA A 413 -36.92 -15.47 -4.00
C ALA A 413 -38.15 -14.84 -4.66
N TYR A 414 -39.21 -14.60 -3.88
CA TYR A 414 -40.47 -14.10 -4.41
C TYR A 414 -40.48 -12.64 -4.90
N VAL A 415 -41.53 -12.31 -5.64
CA VAL A 415 -41.91 -10.95 -5.91
C VAL A 415 -42.85 -10.54 -4.79
N ILE A 416 -42.75 -9.28 -4.40
CA ILE A 416 -43.63 -8.78 -3.37
C ILE A 416 -44.22 -7.45 -3.82
N GLU A 417 -45.36 -7.09 -3.26
CA GLU A 417 -45.91 -5.75 -3.45
C GLU A 417 -46.36 -5.17 -2.10
N LEU A 418 -46.22 -3.85 -1.97
CA LEU A 418 -46.48 -3.11 -0.72
C LEU A 418 -47.96 -3.07 -0.35
N GLU A 419 -48.28 -3.20 0.94
CA GLU A 419 -49.68 -3.09 1.38
C GLU A 419 -49.87 -1.87 2.20
N ASP A 420 -49.13 -1.81 3.30
CA ASP A 420 -49.28 -0.74 4.26
C ASP A 420 -47.88 -0.25 4.54
N VAL A 421 -47.77 1.03 4.84
CA VAL A 421 -46.60 1.59 5.44
C VAL A 421 -47.00 2.12 6.80
N VAL A 422 -46.18 1.80 7.81
CA VAL A 422 -46.35 2.30 9.18
C VAL A 422 -45.26 3.32 9.57
N GLU A 423 -45.70 4.50 10.04
CA GLU A 423 -44.75 5.56 10.39
C GLU A 423 -44.65 5.89 11.91
N GLU A 424 -43.61 6.60 12.29
CA GLU A 424 -43.47 7.03 13.67
C GLU A 424 -42.32 8.04 13.71
N GLY A 425 -42.58 9.20 14.31
CA GLY A 425 -41.67 10.36 14.22
C GLY A 425 -41.62 10.90 12.80
N GLY A 426 -42.60 10.52 11.97
CA GLY A 426 -42.74 11.04 10.62
C GLY A 426 -41.84 10.42 9.57
N GLU A 427 -40.89 9.61 10.04
CA GLU A 427 -40.11 8.72 9.18
C GLU A 427 -40.57 7.23 9.30
N VAL A 428 -40.05 6.43 8.36
CA VAL A 428 -40.62 5.14 8.02
C VAL A 428 -40.07 3.97 8.82
N ARG A 429 -40.91 3.22 9.51
CA ARG A 429 -40.38 2.23 10.44
C ARG A 429 -40.70 0.78 10.16
N LEU A 430 -41.67 0.50 9.29
CA LEU A 430 -42.00 -0.89 8.95
C LEU A 430 -42.90 -1.01 7.72
N LEU A 431 -42.60 -2.00 6.88
CA LEU A 431 -43.40 -2.25 5.70
C LEU A 431 -44.24 -3.49 5.93
N LYS A 432 -45.51 -3.38 5.55
CA LYS A 432 -46.39 -4.50 5.47
C LYS A 432 -46.53 -4.79 3.97
N ALA A 433 -46.25 -6.01 3.57
CA ALA A 433 -46.25 -6.37 2.16
C ALA A 433 -46.73 -7.80 2.01
N ARG A 434 -46.84 -8.24 0.77
CA ARG A 434 -47.47 -9.50 0.46
C ARG A 434 -46.65 -10.18 -0.62
N ILE A 435 -46.50 -11.51 -0.60
CA ILE A 435 -45.84 -12.14 -1.76
C ILE A 435 -46.85 -12.17 -2.89
N VAL A 436 -46.40 -11.96 -4.12
CA VAL A 436 -47.18 -12.25 -5.34
C VAL A 436 -46.97 -13.76 -5.61
N PRO A 437 -48.03 -14.58 -5.47
CA PRO A 437 -47.82 -16.02 -5.66
C PRO A 437 -48.07 -16.43 -7.11
N GLY A 438 -47.40 -17.45 -7.60
CA GLY A 438 -46.25 -18.05 -6.97
C GLY A 438 -45.18 -17.46 -7.86
N THR A 439 -44.64 -16.33 -7.42
CA THR A 439 -43.65 -15.59 -8.15
C THR A 439 -42.25 -16.27 -7.99
N LEU A 440 -42.15 -17.39 -7.26
CA LEU A 440 -40.84 -18.04 -7.00
C LEU A 440 -40.29 -18.89 -8.15
N GLY A 441 -39.18 -18.44 -8.71
CA GLY A 441 -38.61 -19.05 -9.91
C GLY A 441 -39.36 -18.64 -11.16
N ALA A 442 -40.45 -17.87 -11.02
CA ALA A 442 -41.28 -17.46 -12.16
C ALA A 442 -41.74 -15.99 -12.18
N ASN A 443 -42.36 -15.60 -13.29
CA ASN A 443 -43.01 -14.30 -13.35
C ASN A 443 -44.40 -14.30 -12.75
N PRO A 444 -45.03 -13.13 -12.63
CA PRO A 444 -46.41 -13.12 -12.13
C PRO A 444 -47.41 -13.50 -13.20
N GLU A 445 -48.51 -14.12 -12.78
CA GLU A 445 -49.53 -14.54 -13.75
C GLU A 445 -49.85 -13.37 -14.66
N ASP A 446 -49.99 -12.16 -14.10
CA ASP A 446 -50.55 -11.04 -14.85
C ASP A 446 -49.60 -10.37 -15.86
N GLY A 447 -48.36 -10.85 -15.91
CA GLY A 447 -47.45 -10.38 -16.93
C GLY A 447 -46.62 -9.19 -16.52
N VAL A 448 -47.14 -8.39 -15.57
CA VAL A 448 -46.42 -7.24 -15.08
C VAL A 448 -45.29 -7.72 -14.14
N ARG A 449 -44.09 -7.90 -14.71
CA ARG A 449 -42.85 -8.23 -13.96
C ARG A 449 -42.39 -7.03 -13.11
N PRO A 450 -41.71 -7.28 -11.99
CA PRO A 450 -41.09 -6.11 -11.36
C PRO A 450 -39.98 -5.40 -12.23
N LYS A 451 -40.07 -4.08 -12.32
CA LYS A 451 -39.00 -3.27 -12.92
C LYS A 451 -37.56 -3.59 -12.41
N GLY A 452 -37.40 -4.18 -11.22
CA GLY A 452 -36.07 -4.45 -10.67
C GLY A 452 -35.96 -5.51 -9.58
N VAL A 453 -34.73 -5.80 -9.17
CA VAL A 453 -34.41 -6.84 -8.17
C VAL A 453 -33.65 -6.20 -7.04
N ILE A 454 -34.06 -6.45 -5.81
CA ILE A 454 -33.32 -5.99 -4.63
C ILE A 454 -32.88 -7.10 -3.66
N HIS A 455 -31.76 -6.87 -2.97
CA HIS A 455 -31.28 -7.84 -1.99
C HIS A 455 -32.09 -7.70 -0.70
N TRP A 456 -31.93 -8.66 0.22
CA TRP A 456 -32.81 -8.77 1.41
C TRP A 456 -32.25 -9.87 2.29
N VAL A 457 -32.59 -9.89 3.57
CA VAL A 457 -32.36 -11.08 4.41
C VAL A 457 -33.55 -11.33 5.29
N SER A 458 -33.65 -12.57 5.78
CA SER A 458 -34.68 -12.97 6.74
C SER A 458 -34.28 -12.48 8.11
N ALA A 459 -35.18 -11.73 8.75
CA ALA A 459 -34.92 -11.18 10.07
C ALA A 459 -34.98 -12.28 11.13
N ARG A 460 -35.40 -13.48 10.72
CA ARG A 460 -35.50 -14.62 11.64
C ARG A 460 -34.25 -15.49 11.60
N HIS A 461 -33.34 -15.12 10.70
CA HIS A 461 -32.17 -15.96 10.53
C HIS A 461 -30.85 -15.25 10.45
N ALA A 462 -30.92 -13.94 10.24
CA ALA A 462 -29.78 -13.13 9.90
C ALA A 462 -28.85 -12.93 11.08
N LEU A 463 -27.61 -12.66 10.74
CA LEU A 463 -26.57 -12.41 11.71
C LEU A 463 -26.24 -10.92 11.79
N PRO A 464 -26.19 -10.38 12.99
CA PRO A 464 -25.75 -8.99 13.06
C PRO A 464 -24.34 -8.86 12.50
N VAL A 465 -24.09 -7.76 11.79
CA VAL A 465 -22.74 -7.42 11.38
C VAL A 465 -22.49 -5.94 11.61
N GLU A 466 -21.32 -5.62 12.16
CA GLU A 466 -20.83 -4.26 12.06
C GLU A 466 -20.14 -4.01 10.69
N PHE A 467 -20.72 -3.12 9.88
CA PHE A 467 -20.13 -2.89 8.57
C PHE A 467 -19.27 -1.64 8.59
N ARG A 468 -18.04 -1.76 8.12
CA ARG A 468 -17.18 -0.60 7.94
C ARG A 468 -17.07 -0.20 6.47
N LEU A 469 -17.88 0.79 6.09
CA LEU A 469 -17.90 1.21 4.69
C LEU A 469 -16.76 2.18 4.47
N TYR A 470 -15.73 1.70 3.80
CA TYR A 470 -14.57 2.53 3.51
C TYR A 470 -14.75 3.26 2.16
N GLY A 471 -14.53 4.57 2.15
CA GLY A 471 -14.47 5.30 0.91
C GLY A 471 -13.07 5.87 0.79
N ARG A 472 -12.86 6.65 -0.29
CA ARG A 472 -11.57 7.25 -0.52
C ARG A 472 -11.31 8.26 0.53
N LEU A 473 -10.03 8.50 0.81
CA LEU A 473 -9.69 9.25 1.99
C LEU A 473 -9.89 10.77 1.80
N PHE A 474 -9.97 11.20 0.54
CA PHE A 474 -9.94 12.60 0.16
C PHE A 474 -10.96 12.83 -0.92
N ARG A 475 -11.58 14.00 -0.94
CA ARG A 475 -12.52 14.33 -2.05
C ARG A 475 -11.82 14.95 -3.26
N THR A 476 -10.68 15.60 -3.03
CA THR A 476 -9.97 16.33 -4.06
C THR A 476 -8.91 15.42 -4.66
N LYS A 477 -8.78 15.49 -5.98
CA LYS A 477 -7.87 14.70 -6.80
C LYS A 477 -6.37 14.76 -6.39
N ASP A 478 -5.97 15.92 -5.87
CA ASP A 478 -4.56 16.22 -5.61
C ASP A 478 -4.45 16.91 -4.27
N PRO A 479 -4.78 16.16 -3.23
CA PRO A 479 -4.67 16.71 -1.89
C PRO A 479 -3.20 16.89 -1.45
N GLU A 480 -2.27 16.13 -2.04
CA GLU A 480 -0.88 16.08 -1.58
C GLU A 480 -0.17 17.39 -1.83
N GLU A 481 -0.66 18.18 -2.78
CA GLU A 481 0.01 19.40 -3.19
C GLU A 481 -0.98 20.57 -3.19
N GLY A 482 -2.20 20.32 -2.72
CA GLY A 482 -3.36 21.25 -2.84
C GLY A 482 -3.57 22.38 -1.83
N GLY A 483 -2.90 22.34 -0.67
CA GLY A 483 -3.05 23.39 0.38
C GLY A 483 -3.34 22.79 1.74
N ASP A 484 -4.46 23.14 2.36
CA ASP A 484 -4.93 22.38 3.52
C ASP A 484 -5.45 21.08 2.94
N PHE A 485 -4.65 20.02 3.12
CA PHE A 485 -5.07 18.68 2.75
C PHE A 485 -6.04 18.12 3.79
N LEU A 486 -5.81 18.44 5.06
CA LEU A 486 -6.81 18.13 6.07
C LEU A 486 -8.23 18.65 5.70
N GLN A 487 -8.34 19.89 5.24
CA GLN A 487 -9.65 20.42 4.84
C GLN A 487 -10.22 19.66 3.61
N ASN A 488 -9.40 18.86 2.93
CA ASN A 488 -9.86 18.01 1.80
C ASN A 488 -10.27 16.57 2.17
N LEU A 489 -10.15 16.19 3.44
CA LEU A 489 -10.53 14.82 3.84
C LEU A 489 -11.92 14.57 3.38
N ASN A 490 -12.19 13.32 3.07
CA ASN A 490 -13.53 12.91 2.76
C ASN A 490 -14.21 12.51 4.04
N PRO A 491 -15.23 13.27 4.48
CA PRO A 491 -15.84 12.90 5.75
C PRO A 491 -16.65 11.59 5.62
N GLU A 492 -16.71 11.02 4.41
CA GLU A 492 -17.35 9.70 4.19
C GLU A 492 -16.34 8.57 4.12
N ALA A 493 -15.07 8.90 4.41
CA ALA A 493 -13.97 7.94 4.36
C ALA A 493 -14.35 6.67 5.13
N LEU A 494 -14.95 6.83 6.33
CA LEU A 494 -15.57 5.68 7.02
C LEU A 494 -16.93 5.94 7.61
N VAL A 495 -17.90 5.21 7.15
CA VAL A 495 -19.22 5.19 7.75
C VAL A 495 -19.35 3.83 8.38
N VAL A 496 -19.72 3.80 9.65
CA VAL A 496 -20.05 2.54 10.25
C VAL A 496 -21.57 2.39 10.32
N LYS A 497 -22.07 1.29 9.75
CA LYS A 497 -23.47 0.88 9.91
C LYS A 497 -23.59 -0.50 10.60
N ARG A 498 -24.65 -0.66 11.41
CA ARG A 498 -24.99 -1.95 12.00
C ARG A 498 -26.06 -2.61 11.18
N GLY A 499 -25.66 -3.58 10.38
CA GLY A 499 -26.59 -4.29 9.53
C GLY A 499 -26.55 -5.78 9.81
N PHE A 500 -27.02 -6.55 8.84
CA PHE A 500 -27.29 -8.00 8.99
C PHE A 500 -26.76 -8.73 7.78
N ILE A 501 -26.40 -9.99 7.94
CA ILE A 501 -26.00 -10.78 6.77
C ILE A 501 -26.66 -12.17 6.86
N GLU A 502 -26.76 -12.86 5.71
CA GLU A 502 -27.28 -14.22 5.68
C GLU A 502 -26.39 -15.12 6.56
N PRO A 503 -27.00 -16.13 7.22
CA PRO A 503 -26.25 -17.00 8.14
C PRO A 503 -25.20 -17.94 7.47
N SER A 504 -25.32 -18.23 6.17
CA SER A 504 -24.38 -19.12 5.51
C SER A 504 -22.92 -18.80 5.87
N VAL A 505 -22.61 -17.52 5.90
CA VAL A 505 -21.25 -17.05 6.11
C VAL A 505 -20.56 -17.65 7.35
N ALA A 506 -21.34 -18.28 8.23
CA ALA A 506 -20.82 -18.78 9.50
C ALA A 506 -20.00 -20.01 9.27
N GLN A 507 -20.23 -20.66 8.12
CA GLN A 507 -19.56 -21.93 7.80
C GLN A 507 -18.55 -21.67 6.72
N ASP A 508 -18.06 -20.43 6.63
CA ASP A 508 -17.01 -20.13 5.68
C ASP A 508 -15.69 -19.93 6.38
N PRO A 509 -14.59 -20.34 5.73
CA PRO A 509 -13.33 -20.02 6.39
C PRO A 509 -13.31 -18.52 6.60
N GLU A 510 -12.58 -18.06 7.62
CA GLU A 510 -12.65 -16.66 8.00
C GLU A 510 -12.03 -15.65 7.00
N ASP A 511 -11.22 -16.14 6.08
CA ASP A 511 -10.57 -15.29 5.10
C ASP A 511 -11.37 -15.26 3.82
N THR A 512 -12.61 -15.71 3.86
CA THR A 512 -13.43 -15.59 2.69
C THR A 512 -13.73 -14.11 2.38
N ARG A 513 -13.64 -13.78 1.10
CA ARG A 513 -14.04 -12.47 0.62
C ARG A 513 -15.33 -12.64 -0.20
N TYR A 514 -16.35 -11.89 0.14
CA TYR A 514 -17.63 -11.97 -0.55
C TYR A 514 -17.87 -10.74 -1.43
N GLN A 515 -18.66 -10.93 -2.49
CA GLN A 515 -19.47 -9.83 -3.00
C GLN A 515 -20.83 -9.90 -2.32
N LEU A 516 -21.21 -8.85 -1.58
CA LEU A 516 -22.59 -8.72 -1.13
C LEU A 516 -23.31 -8.02 -2.25
N GLU A 517 -24.24 -8.74 -2.87
CA GLU A 517 -24.89 -8.32 -4.12
C GLU A 517 -25.40 -6.91 -4.01
N ARG A 518 -25.23 -6.14 -5.08
CA ARG A 518 -25.69 -4.75 -5.11
C ARG A 518 -25.12 -3.81 -3.99
N LEU A 519 -24.14 -4.28 -3.21
CA LEU A 519 -23.44 -3.41 -2.25
C LEU A 519 -21.89 -3.23 -2.45
N GLY A 520 -21.19 -4.29 -2.87
CA GLY A 520 -19.73 -4.26 -2.98
C GLY A 520 -19.07 -5.48 -2.40
N TYR A 521 -17.74 -5.48 -2.41
CA TYR A 521 -16.97 -6.60 -1.86
C TYR A 521 -16.60 -6.42 -0.39
N PHE A 522 -16.64 -7.53 0.36
CA PHE A 522 -16.45 -7.47 1.81
C PHE A 522 -15.70 -8.71 2.31
N TRP A 523 -15.06 -8.56 3.48
CA TRP A 523 -14.52 -9.72 4.23
C TRP A 523 -14.49 -9.41 5.72
N ARG A 524 -14.41 -10.44 6.57
CA ARG A 524 -14.20 -10.23 8.02
C ARG A 524 -12.94 -9.41 8.29
N ASP A 525 -13.07 -8.25 8.92
CA ASP A 525 -11.88 -7.48 9.37
C ASP A 525 -11.01 -8.35 10.27
N PRO A 526 -9.76 -8.64 9.84
CA PRO A 526 -8.90 -9.66 10.52
C PRO A 526 -8.62 -9.30 11.97
N VAL A 527 -8.74 -8.02 12.33
CA VAL A 527 -8.45 -7.64 13.70
C VAL A 527 -9.66 -7.81 14.61
N ASP A 528 -10.75 -7.09 14.32
CA ASP A 528 -11.84 -6.98 15.25
C ASP A 528 -12.94 -8.02 15.14
N SER A 529 -13.21 -8.49 13.92
CA SER A 529 -14.33 -9.39 13.77
C SER A 529 -14.17 -10.60 14.65
N ARG A 530 -15.30 -11.14 15.13
CA ARG A 530 -15.35 -12.37 15.97
C ARG A 530 -16.61 -13.11 15.54
N PRO A 531 -16.58 -14.47 15.54
CA PRO A 531 -17.75 -15.27 15.07
C PRO A 531 -19.08 -14.86 15.72
N GLU A 532 -19.02 -14.38 16.96
CA GLU A 532 -20.22 -14.03 17.74
C GLU A 532 -20.52 -12.56 17.73
N ALA A 533 -19.76 -11.81 16.91
CA ALA A 533 -19.95 -10.37 16.75
C ALA A 533 -19.26 -9.97 15.50
N LEU A 534 -19.79 -10.35 14.34
CA LEU A 534 -19.09 -10.14 13.07
C LEU A 534 -18.77 -8.66 12.86
N VAL A 535 -17.68 -8.40 12.16
CA VAL A 535 -17.31 -7.06 11.76
C VAL A 535 -16.70 -7.28 10.41
N MET A 536 -17.28 -6.68 9.38
CA MET A 536 -16.84 -6.85 8.00
C MET A 536 -16.50 -5.52 7.35
N ASN A 537 -15.31 -5.41 6.76
CA ASN A 537 -14.97 -4.25 5.96
C ASN A 537 -15.43 -4.39 4.53
N ARG A 538 -15.93 -3.30 3.96
CA ARG A 538 -16.14 -3.22 2.52
C ARG A 538 -14.81 -2.88 1.86
N ILE A 539 -14.21 -3.91 1.28
CA ILE A 539 -13.03 -3.76 0.46
C ILE A 539 -13.15 -2.72 -0.65
N VAL A 540 -14.29 -2.68 -1.32
CA VAL A 540 -14.51 -1.76 -2.43
C VAL A 540 -15.97 -1.84 -2.90
N PRO A 541 -16.57 -0.70 -3.28
CA PRO A 541 -17.93 -0.76 -3.86
C PRO A 541 -17.95 -1.21 -5.31
N LEU A 542 -19.14 -1.51 -5.85
CA LEU A 542 -19.32 -1.74 -7.29
C LEU A 542 -19.33 -0.41 -8.08
N LYS A 543 -19.18 -0.48 -9.41
CA LYS A 543 -19.29 0.68 -10.29
C LYS A 543 -20.77 1.00 -10.58
#